data_2FA0
#
_entry.id   2FA0
#
_cell.length_a   61.330
_cell.length_b   61.330
_cell.length_c   411.560
_cell.angle_alpha   90.00
_cell.angle_beta   90.00
_cell.angle_gamma   120.00
#
_symmetry.space_group_name_H-M   'P 61 2 2'
#
loop_
_entity.id
_entity.type
_entity.pdbx_description
1 polymer 'HMG-CoA synthase'
2 non-polymer '3-HYDROXY-3-METHYLGLUTARYL-COENZYME A'
3 water water
#
_entity_poly.entity_id   1
_entity_poly.type   'polypeptide(L)'
_entity_poly.pdbx_seq_one_letter_code
;AKNVGILAMDIYFPPTCVQQEALEAHDGASKGKYTIGLGQDCLAFCTELEDVISMSFNAVTSLLEKYKIDPKQIGRLEVG
SETVIDKSKSIKTFLMQLFEKCGNTDVEGVDSTNACYGGTAALLNCVNWVESNSWDGRYGLVICTDSAVYAEGPARPTGG
AAAIAMLIGPDAPIVFESKLRGSHMAHVYDFYKPNLASEYPVVDGKLSQTCYLMALDSCYKHLCNKFEKLEGKEFSINDA
DYFVFHSPYNKLVQKSFARLLYNDFLRNASSIDEAAKEKFTPYSSLSLDESYQSRDLEKVSQQLAKTYYDAKVQPTTLVP
KQVGNMYTASLYAAFASLVHNKHSDLAGKRVVMFSYGSGSTATMFSLRLCENQSPFSLSNIASVMDVGGKLKARHEYAPE
KFVETMKLMEHRYGAKEFVTSKEGILDLLAPGTYYLKEVDSLYRRFYGKK
;
_entity_poly.pdbx_strand_id   A
#
loop_
_chem_comp.id
_chem_comp.type
_chem_comp.name
_chem_comp.formula
HMG non-polymer '3-HYDROXY-3-METHYLGLUTARYL-COENZYME A' 'C27 H39 N7 O20 P3 S -5'
#
# COMPACT_ATOMS: atom_id res chain seq x y z
N ALA A 1 -25.28 -9.45 7.31
CA ALA A 1 -23.98 -9.13 7.88
C ALA A 1 -23.85 -7.64 7.70
N LYS A 2 -23.75 -6.93 8.84
CA LYS A 2 -23.88 -5.45 8.79
C LYS A 2 -22.55 -4.75 8.89
N ASN A 3 -22.52 -3.57 8.28
CA ASN A 3 -21.37 -2.69 8.36
C ASN A 3 -20.04 -3.40 8.24
N VAL A 4 -19.85 -4.07 7.11
CA VAL A 4 -18.64 -4.85 6.96
C VAL A 4 -17.48 -3.95 6.54
N GLY A 5 -16.33 -4.20 7.16
CA GLY A 5 -15.06 -3.63 6.75
C GLY A 5 -13.96 -4.17 7.62
N ILE A 6 -13.02 -3.30 7.97
CA ILE A 6 -11.77 -3.68 8.58
C ILE A 6 -11.94 -3.50 10.07
N LEU A 7 -11.78 -4.58 10.83
CA LEU A 7 -11.95 -4.66 12.28
C LEU A 7 -10.68 -4.40 13.07
N ALA A 8 -9.55 -4.78 12.49
CA ALA A 8 -8.26 -4.77 13.15
C ALA A 8 -7.22 -4.78 12.04
N MET A 9 -5.99 -4.44 12.40
CA MET A 9 -4.94 -4.14 11.44
C MET A 9 -3.53 -4.21 12.08
N ASP A 10 -2.58 -4.74 11.34
CA ASP A 10 -1.21 -4.64 11.71
C ASP A 10 -0.30 -4.52 10.49
N ILE A 11 0.93 -4.08 10.76
CA ILE A 11 1.92 -3.79 9.75
C ILE A 11 3.24 -4.39 10.17
N TYR A 12 4.10 -4.63 9.21
CA TYR A 12 5.45 -5.04 9.45
C TYR A 12 6.28 -4.58 8.26
N PHE A 13 7.42 -3.99 8.57
CA PHE A 13 8.41 -3.64 7.59
C PHE A 13 9.77 -3.98 8.12
N PRO A 14 10.73 -4.26 7.22
CA PRO A 14 12.07 -4.61 7.75
C PRO A 14 12.68 -3.40 8.43
N PRO A 15 13.35 -3.61 9.58
CA PRO A 15 13.95 -2.49 10.28
C PRO A 15 15.14 -1.92 9.54
N THR A 16 15.68 -2.67 8.59
CA THR A 16 16.91 -2.34 7.89
C THR A 16 16.56 -1.32 6.82
N CYS A 17 17.35 -0.25 6.73
CA CYS A 17 17.03 0.91 5.82
C CYS A 17 18.22 1.76 5.47
N VAL A 18 18.05 2.64 4.50
CA VAL A 18 19.08 3.55 4.09
C VAL A 18 18.45 4.94 4.00
N GLN A 19 19.06 5.91 4.66
CA GLN A 19 18.58 7.28 4.63
C GLN A 19 18.69 7.77 3.21
N GLN A 20 17.60 8.40 2.74
CA GLN A 20 17.58 8.94 1.38
C GLN A 20 18.64 10.03 1.10
N GLU A 21 18.86 10.94 2.06
CA GLU A 21 19.90 12.00 1.93
C GLU A 21 21.32 11.36 1.72
N ALA A 22 21.68 10.45 2.63
CA ALA A 22 22.89 9.67 2.56
C ALA A 22 23.08 8.96 1.21
N LEU A 23 21.96 8.53 0.60
CA LEU A 23 21.96 7.87 -0.69
C LEU A 23 22.18 8.82 -1.84
N GLU A 24 21.41 9.89 -1.92
CA GLU A 24 21.66 10.98 -2.92
C GLU A 24 23.15 11.25 -3.13
N ALA A 25 23.86 11.33 -2.00
CA ALA A 25 25.29 11.53 -2.03
C ALA A 25 25.87 10.33 -2.72
N HIS A 26 25.68 9.12 -2.14
CA HIS A 26 26.19 7.86 -2.77
C HIS A 26 26.01 7.95 -4.29
N ASP A 27 24.78 8.12 -4.73
CA ASP A 27 24.53 8.03 -6.15
C ASP A 27 25.14 9.15 -6.99
N GLY A 28 25.56 10.25 -6.36
CA GLY A 28 25.90 11.44 -7.12
C GLY A 28 24.64 12.05 -7.72
N ALA A 29 23.54 12.05 -6.97
CA ALA A 29 22.38 12.85 -7.35
C ALA A 29 22.61 14.23 -6.75
N SER A 30 21.65 15.16 -6.92
CA SER A 30 21.79 16.53 -6.38
C SER A 30 21.08 16.68 -5.04
N LYS A 31 21.58 17.61 -4.22
CA LYS A 31 20.92 18.03 -2.97
C LYS A 31 19.41 17.69 -2.89
N GLY A 32 18.61 18.16 -3.83
CA GLY A 32 17.16 17.89 -3.67
C GLY A 32 16.55 16.53 -4.01
N LYS A 33 17.16 15.80 -4.96
CA LYS A 33 16.45 14.82 -5.83
C LYS A 33 15.58 13.74 -5.17
N TYR A 34 16.09 13.06 -4.16
CA TYR A 34 15.27 12.09 -3.48
C TYR A 34 14.47 12.70 -2.34
N THR A 35 15.08 13.59 -1.54
CA THR A 35 14.29 14.12 -0.41
C THR A 35 13.24 15.21 -0.82
N ILE A 36 13.43 15.83 -1.96
CA ILE A 36 12.49 16.86 -2.38
C ILE A 36 11.81 16.42 -3.64
N GLY A 37 12.60 15.94 -4.60
CA GLY A 37 12.11 15.46 -5.90
C GLY A 37 11.06 14.34 -5.84
N LEU A 38 11.39 13.28 -5.07
CA LEU A 38 10.55 12.09 -4.83
C LEU A 38 9.77 12.34 -3.56
N GLY A 39 10.37 13.17 -2.71
CA GLY A 39 9.81 13.56 -1.44
C GLY A 39 9.86 12.45 -0.45
N GLN A 40 10.99 11.72 -0.45
CA GLN A 40 11.19 10.52 0.39
C GLN A 40 12.26 10.75 1.40
N ASP A 41 12.17 10.08 2.54
CA ASP A 41 13.09 10.32 3.62
C ASP A 41 14.03 9.15 3.82
N CYS A 42 13.44 7.94 3.78
CA CYS A 42 14.07 6.68 4.24
C CYS A 42 13.49 5.42 3.55
N LEU A 43 14.38 4.55 3.10
CA LEU A 43 14.00 3.43 2.28
C LEU A 43 14.32 2.12 3.03
N ALA A 44 13.27 1.33 3.38
CA ALA A 44 13.42 -0.02 4.03
C ALA A 44 13.59 -1.14 2.99
N PHE A 45 14.39 -2.16 3.29
CA PHE A 45 14.67 -3.27 2.36
C PHE A 45 14.81 -4.62 3.09
N CYS A 46 14.27 -5.71 2.50
CA CYS A 46 14.65 -7.08 2.92
C CYS A 46 16.13 -7.38 2.60
N THR A 47 16.89 -7.73 3.64
CA THR A 47 18.14 -8.45 3.52
C THR A 47 17.89 -9.95 3.40
N GLU A 48 18.96 -10.73 3.40
CA GLU A 48 18.88 -12.15 3.10
C GLU A 48 17.97 -12.97 4.03
N LEU A 49 17.80 -12.53 5.28
CA LEU A 49 16.85 -13.12 6.26
C LEU A 49 15.34 -12.82 6.05
N GLU A 50 15.00 -11.85 5.19
CA GLU A 50 13.60 -11.45 5.03
C GLU A 50 13.02 -11.54 3.65
N ASP A 51 11.75 -11.92 3.62
CA ASP A 51 11.05 -11.95 2.34
C ASP A 51 9.57 -11.73 2.51
N VAL A 52 8.81 -11.88 1.43
CA VAL A 52 7.38 -11.67 1.51
C VAL A 52 6.69 -12.70 2.38
N ILE A 53 7.20 -13.93 2.47
CA ILE A 53 6.59 -14.93 3.41
C ILE A 53 6.82 -14.53 4.88
N SER A 54 8.08 -14.30 5.24
CA SER A 54 8.42 -13.96 6.63
C SER A 54 7.74 -12.66 7.06
N MET A 55 7.77 -11.64 6.20
CA MET A 55 7.05 -10.38 6.49
C MET A 55 5.57 -10.75 6.80
N SER A 56 5.02 -11.66 6.00
CA SER A 56 3.65 -12.14 6.17
C SER A 56 3.39 -12.81 7.50
N PHE A 57 4.32 -13.66 7.95
CA PHE A 57 4.12 -14.38 9.21
C PHE A 57 4.12 -13.39 10.36
N ASN A 58 4.97 -12.38 10.18
CA ASN A 58 5.17 -11.28 11.11
C ASN A 58 3.86 -10.50 11.34
N ALA A 59 3.27 -9.99 10.25
CA ALA A 59 2.07 -9.19 10.34
C ALA A 59 0.89 -10.09 10.77
N VAL A 60 0.79 -11.33 10.25
CA VAL A 60 -0.30 -12.22 10.69
C VAL A 60 -0.18 -12.64 12.16
N THR A 61 1.00 -13.11 12.53
CA THR A 61 1.24 -13.56 13.91
C THR A 61 0.89 -12.43 14.87
N SER A 62 1.53 -11.28 14.67
CA SER A 62 1.27 -10.05 15.40
C SER A 62 -0.19 -9.56 15.50
N LEU A 63 -1.04 -9.89 14.52
CA LEU A 63 -2.41 -9.41 14.55
C LEU A 63 -3.23 -10.31 15.42
N LEU A 64 -3.07 -11.60 15.21
CA LEU A 64 -3.83 -12.60 15.96
C LEU A 64 -3.53 -12.40 17.46
N GLU A 65 -2.25 -12.43 17.83
CA GLU A 65 -1.83 -12.16 19.20
C GLU A 65 -2.39 -10.93 19.85
N LYS A 66 -2.21 -9.81 19.18
CA LYS A 66 -2.44 -8.54 19.80
C LYS A 66 -3.91 -8.20 19.77
N TYR A 67 -4.64 -8.62 18.74
CA TYR A 67 -6.06 -8.35 18.91
C TYR A 67 -6.74 -9.50 19.62
N LYS A 68 -5.91 -10.42 20.08
CA LYS A 68 -6.39 -11.72 20.62
C LYS A 68 -7.46 -12.36 19.79
N ILE A 69 -7.08 -12.85 18.63
CA ILE A 69 -7.93 -13.64 17.76
C ILE A 69 -7.54 -15.13 17.83
N ASP A 70 -8.55 -15.96 17.92
CA ASP A 70 -8.40 -17.38 17.98
C ASP A 70 -8.19 -17.73 16.52
N PRO A 71 -7.12 -18.51 16.18
CA PRO A 71 -6.91 -18.81 14.72
C PRO A 71 -7.96 -19.79 14.19
N LYS A 72 -8.77 -20.34 15.07
CA LYS A 72 -9.96 -21.09 14.62
C LYS A 72 -11.00 -20.13 14.06
N GLN A 73 -11.00 -18.87 14.49
CA GLN A 73 -12.02 -17.91 14.06
C GLN A 73 -11.87 -17.34 12.61
N ILE A 74 -10.80 -17.77 11.92
CA ILE A 74 -10.53 -17.36 10.54
C ILE A 74 -11.08 -18.41 9.53
N GLY A 75 -11.79 -17.92 8.52
CA GLY A 75 -12.54 -18.78 7.65
C GLY A 75 -12.24 -18.48 6.19
N ARG A 76 -11.56 -17.36 5.96
CA ARG A 76 -11.02 -16.93 4.65
C ARG A 76 -9.70 -16.15 4.88
N LEU A 77 -8.68 -16.50 4.10
CA LEU A 77 -7.41 -15.84 4.21
C LEU A 77 -6.88 -15.60 2.80
N GLU A 78 -6.78 -14.34 2.38
CA GLU A 78 -6.27 -14.08 1.01
C GLU A 78 -5.04 -13.22 1.07
N VAL A 79 -4.22 -13.29 0.04
CA VAL A 79 -2.98 -12.55 0.05
C VAL A 79 -2.91 -11.77 -1.21
N GLY A 80 -2.49 -10.50 -1.15
CA GLY A 80 -2.26 -9.77 -2.38
C GLY A 80 -0.77 -9.52 -2.48
N SER A 81 -0.15 -9.82 -3.62
CA SER A 81 1.23 -9.55 -3.77
C SER A 81 1.57 -9.46 -5.23
N GLU A 82 2.78 -9.00 -5.53
CA GLU A 82 3.32 -9.06 -6.86
C GLU A 82 4.76 -9.53 -6.88
N THR A 83 5.25 -9.93 -5.71
CA THR A 83 6.59 -10.50 -5.61
C THR A 83 6.43 -12.00 -5.72
N VAL A 84 6.99 -12.61 -6.77
CA VAL A 84 6.86 -14.06 -6.93
C VAL A 84 8.09 -14.93 -6.63
N ILE A 85 7.83 -15.84 -5.72
CA ILE A 85 8.84 -16.76 -5.24
C ILE A 85 8.59 -18.10 -5.91
N ASP A 86 7.33 -18.48 -5.99
CA ASP A 86 6.99 -19.65 -6.73
C ASP A 86 5.92 -19.31 -7.78
N LYS A 87 6.04 -19.85 -8.99
CA LYS A 87 5.02 -19.57 -10.04
C LYS A 87 3.63 -20.24 -9.87
N SER A 88 3.56 -21.22 -8.97
CA SER A 88 2.32 -21.99 -8.79
C SER A 88 1.85 -22.11 -7.35
N LYS A 89 2.81 -22.23 -6.42
CA LYS A 89 2.54 -22.34 -5.00
C LYS A 89 2.45 -20.97 -4.34
N SER A 90 1.22 -20.64 -3.91
CA SER A 90 0.89 -19.33 -3.44
C SER A 90 1.48 -19.06 -2.04
N ILE A 91 1.64 -17.78 -1.75
CA ILE A 91 2.08 -17.39 -0.42
C ILE A 91 1.01 -17.85 0.57
N LYS A 92 -0.25 -17.82 0.15
CA LYS A 92 -1.34 -18.17 1.06
C LYS A 92 -1.16 -19.59 1.62
N THR A 93 -0.60 -20.54 0.85
CA THR A 93 -0.28 -21.86 1.44
C THR A 93 0.88 -21.82 2.44
N PHE A 94 1.92 -21.00 2.20
CA PHE A 94 2.97 -20.89 3.20
C PHE A 94 2.34 -20.49 4.54
N LEU A 95 1.41 -19.51 4.53
CA LEU A 95 0.81 -18.97 5.75
C LEU A 95 -0.03 -20.00 6.49
N MET A 96 -0.48 -21.02 5.75
CA MET A 96 -1.29 -22.09 6.30
C MET A 96 -0.46 -22.80 7.33
N GLN A 97 0.86 -22.63 7.30
CA GLN A 97 1.65 -23.15 8.43
C GLN A 97 1.16 -22.84 9.84
N LEU A 98 0.70 -21.61 10.02
CA LEU A 98 0.26 -21.11 11.30
C LEU A 98 -1.08 -21.65 11.70
N PHE A 99 -1.82 -22.30 10.80
CA PHE A 99 -3.11 -22.89 11.22
C PHE A 99 -3.08 -24.42 11.33
N GLU A 100 -1.91 -24.98 11.00
CA GLU A 100 -1.51 -26.42 11.05
C GLU A 100 -1.52 -27.04 12.46
N LYS A 101 -2.13 -26.37 13.44
CA LYS A 101 -1.85 -26.63 14.87
C LYS A 101 -3.13 -26.42 15.72
N CYS A 102 -3.73 -25.27 15.50
CA CYS A 102 -5.11 -24.93 15.75
C CYS A 102 -6.02 -25.92 15.01
N GLY A 103 -5.42 -26.72 14.12
CA GLY A 103 -6.14 -27.72 13.36
C GLY A 103 -7.07 -27.15 12.31
N ASN A 104 -6.89 -25.87 11.97
CA ASN A 104 -7.85 -25.15 11.11
C ASN A 104 -7.45 -25.10 9.61
N THR A 105 -7.98 -26.04 8.83
CA THR A 105 -7.54 -26.25 7.48
C THR A 105 -8.62 -25.78 6.52
N ASP A 106 -9.79 -25.47 7.06
CA ASP A 106 -10.94 -25.17 6.22
C ASP A 106 -11.08 -23.67 6.13
N VAL A 107 -10.17 -23.09 5.29
CA VAL A 107 -9.97 -21.66 5.11
C VAL A 107 -9.97 -21.28 3.60
N GLU A 108 -10.94 -20.52 3.12
CA GLU A 108 -10.92 -20.21 1.69
C GLU A 108 -9.78 -19.23 1.30
N GLY A 109 -9.68 -18.92 0.00
CA GLY A 109 -8.78 -17.90 -0.49
C GLY A 109 -7.42 -18.41 -0.96
N VAL A 110 -6.91 -17.74 -1.98
CA VAL A 110 -5.56 -17.91 -2.50
C VAL A 110 -4.92 -16.53 -2.68
N ASP A 111 -4.02 -16.35 -3.65
CA ASP A 111 -3.35 -15.08 -3.90
C ASP A 111 -4.09 -14.28 -5.00
N SER A 112 -4.21 -12.92 -4.89
CA SER A 112 -4.68 -12.15 -6.01
C SER A 112 -3.48 -11.35 -6.56
N THR A 113 -3.25 -11.39 -7.86
CA THR A 113 -2.26 -10.49 -8.48
C THR A 113 -2.80 -9.57 -9.51
N ASN A 114 -2.35 -8.34 -9.38
CA ASN A 114 -2.02 -7.47 -10.51
C ASN A 114 -1.23 -6.31 -9.95
N ALA A 115 0.10 -6.32 -10.15
CA ALA A 115 0.98 -5.22 -9.76
C ALA A 115 0.71 -4.80 -8.30
N CYS A 116 0.31 -3.38 -7.41
CA CYS A 116 0.12 -2.56 -6.25
C CYS A 116 -1.33 -2.78 -5.93
N TYR A 117 -1.93 -3.61 -6.88
CA TYR A 117 -3.43 -3.74 -6.78
C TYR A 117 -3.89 -5.03 -6.11
N GLY A 118 -3.06 -6.07 -6.06
CA GLY A 118 -3.59 -7.31 -5.51
C GLY A 118 -4.23 -7.25 -4.12
N GLY A 119 -3.71 -6.38 -3.25
CA GLY A 119 -4.17 -6.26 -1.87
C GLY A 119 -5.60 -5.81 -1.89
N THR A 120 -5.86 -4.74 -2.63
CA THR A 120 -7.22 -4.25 -2.79
C THR A 120 -8.13 -5.36 -3.35
N ALA A 121 -7.66 -6.07 -4.42
CA ALA A 121 -8.41 -7.19 -4.99
C ALA A 121 -8.84 -8.08 -3.82
N ALA A 122 -7.86 -8.52 -3.02
CA ALA A 122 -8.17 -9.40 -1.94
C ALA A 122 -9.16 -8.78 -0.95
N LEU A 123 -9.05 -7.47 -0.67
CA LEU A 123 -9.79 -6.85 0.39
C LEU A 123 -11.20 -6.98 0.06
N LEU A 124 -11.53 -6.58 -1.15
CA LEU A 124 -12.89 -6.64 -1.67
C LEU A 124 -13.41 -8.10 -1.66
N ASN A 125 -12.55 -9.03 -2.06
CA ASN A 125 -12.90 -10.41 -2.07
C ASN A 125 -13.38 -10.82 -0.68
N CYS A 126 -12.64 -10.44 0.35
CA CYS A 126 -13.09 -10.77 1.71
C CYS A 126 -14.35 -10.14 2.22
N VAL A 127 -14.56 -8.85 1.90
CA VAL A 127 -15.78 -8.13 2.20
C VAL A 127 -16.90 -8.91 1.53
N ASN A 128 -16.72 -9.21 0.25
CA ASN A 128 -17.83 -9.80 -0.51
C ASN A 128 -18.17 -11.18 0.07
N TRP A 129 -17.14 -11.89 0.50
CA TRP A 129 -17.30 -13.20 1.10
C TRP A 129 -18.14 -13.10 2.39
N VAL A 130 -17.84 -12.11 3.26
CA VAL A 130 -18.58 -11.95 4.52
C VAL A 130 -20.08 -11.67 4.21
N GLU A 131 -20.33 -11.01 3.09
CA GLU A 131 -21.64 -10.60 2.76
C GLU A 131 -22.42 -11.66 1.97
N SER A 132 -21.83 -12.82 1.69
CA SER A 132 -22.42 -13.80 0.75
C SER A 132 -23.17 -14.93 1.44
N ASN A 133 -23.93 -15.69 0.70
CA ASN A 133 -24.75 -16.75 1.32
C ASN A 133 -23.89 -17.84 1.94
N SER A 134 -22.63 -17.90 1.53
CA SER A 134 -21.73 -18.96 1.95
C SER A 134 -20.87 -18.54 3.15
N TRP A 135 -21.03 -17.30 3.62
CA TRP A 135 -20.36 -16.87 4.81
C TRP A 135 -20.68 -17.80 5.96
N ASP A 136 -19.64 -18.24 6.64
CA ASP A 136 -19.82 -19.16 7.73
C ASP A 136 -19.77 -18.48 9.11
N GLY A 137 -19.87 -17.16 9.20
CA GLY A 137 -19.73 -16.44 10.48
C GLY A 137 -18.31 -16.11 10.97
N ARG A 138 -17.27 -16.78 10.47
CA ARG A 138 -15.89 -16.50 10.92
C ARG A 138 -15.29 -15.27 10.24
N TYR A 139 -14.15 -14.81 10.73
CA TYR A 139 -13.49 -13.64 10.11
C TYR A 139 -12.85 -13.87 8.73
N GLY A 140 -12.81 -12.81 7.92
CA GLY A 140 -11.79 -12.61 6.89
C GLY A 140 -10.42 -12.08 7.38
N LEU A 141 -9.37 -12.49 6.68
CA LEU A 141 -8.06 -11.98 6.90
C LEU A 141 -7.40 -11.76 5.55
N VAL A 142 -7.01 -10.51 5.28
CA VAL A 142 -6.30 -10.12 4.06
C VAL A 142 -4.83 -9.77 4.39
N ILE A 143 -3.89 -10.24 3.57
CA ILE A 143 -2.50 -9.86 3.78
C ILE A 143 -2.05 -9.13 2.53
N CYS A 144 -1.53 -7.90 2.69
CA CYS A 144 -0.88 -7.21 1.55
C CYS A 144 0.64 -7.27 1.80
N THR A 145 1.35 -8.00 0.91
CA THR A 145 2.79 -8.14 1.12
C THR A 145 3.59 -7.98 -0.16
N ASP A 146 4.74 -7.32 -0.07
CA ASP A 146 5.58 -7.03 -1.21
C ASP A 146 6.95 -6.55 -0.83
N SER A 147 7.93 -6.79 -1.71
CA SER A 147 9.27 -6.22 -1.59
C SER A 147 9.58 -5.49 -2.86
N ALA A 148 9.71 -4.15 -2.80
CA ALA A 148 9.90 -3.35 -4.03
C ALA A 148 11.35 -2.99 -4.21
N VAL A 149 11.88 -3.27 -5.38
CA VAL A 149 13.27 -3.61 -5.49
C VAL A 149 13.59 -3.35 -6.98
N TYR A 150 14.57 -2.51 -7.24
CA TYR A 150 14.73 -2.01 -8.60
C TYR A 150 16.22 -2.10 -8.92
N ALA A 151 16.52 -2.13 -10.24
CA ALA A 151 17.89 -2.16 -10.79
C ALA A 151 18.50 -0.73 -10.78
N GLU A 152 19.80 -0.64 -10.56
CA GLU A 152 20.55 0.63 -10.63
C GLU A 152 19.97 2.00 -11.06
N GLY A 153 19.41 2.11 -12.26
CA GLY A 153 18.94 3.44 -12.76
C GLY A 153 18.09 4.33 -11.84
N PRO A 154 17.32 5.23 -12.41
CA PRO A 154 16.74 6.21 -11.50
C PRO A 154 15.46 5.72 -10.71
N ALA A 155 15.15 4.42 -10.75
CA ALA A 155 14.03 3.81 -9.99
C ALA A 155 14.43 3.08 -8.67
N ARG A 156 15.71 2.81 -8.47
CA ARG A 156 16.17 2.22 -7.21
C ARG A 156 15.80 3.02 -5.92
N PRO A 157 16.00 4.34 -5.92
CA PRO A 157 15.53 5.13 -4.77
C PRO A 157 14.05 4.93 -4.31
N THR A 158 13.24 4.29 -5.14
CA THR A 158 11.82 4.08 -4.83
C THR A 158 11.56 2.60 -4.55
N GLY A 159 12.39 1.90 -3.79
CA GLY A 159 11.99 0.55 -3.37
C GLY A 159 11.39 0.78 -2.00
N GLY A 160 11.01 -0.29 -1.36
CA GLY A 160 10.41 -0.24 -0.02
C GLY A 160 9.95 -1.67 0.18
N ALA A 161 9.39 -1.99 1.33
CA ALA A 161 9.02 -3.36 1.51
C ALA A 161 8.25 -3.40 2.77
N ALA A 162 7.10 -4.11 2.79
CA ALA A 162 6.36 -4.25 4.05
C ALA A 162 5.25 -5.31 3.87
N ALA A 163 4.80 -5.95 4.97
CA ALA A 163 3.46 -6.62 4.95
C ALA A 163 2.40 -5.87 5.78
N ILE A 164 1.16 -5.86 5.32
CA ILE A 164 0.03 -5.42 6.15
C ILE A 164 -0.98 -6.53 6.30
N ALA A 165 -1.53 -6.65 7.50
CA ALA A 165 -2.62 -7.61 7.77
C ALA A 165 -3.90 -6.89 8.18
N MET A 166 -5.03 -7.21 7.54
CA MET A 166 -6.34 -6.61 7.87
C MET A 166 -7.40 -7.66 8.21
N LEU A 167 -8.05 -7.56 9.37
CA LEU A 167 -9.11 -8.52 9.72
C LEU A 167 -10.41 -7.91 9.26
N ILE A 168 -11.25 -8.73 8.59
CA ILE A 168 -12.47 -8.24 7.96
C ILE A 168 -13.71 -8.86 8.62
N GLY A 169 -14.72 -8.05 8.87
CA GLY A 169 -15.88 -8.58 9.56
C GLY A 169 -17.01 -7.58 9.68
N PRO A 170 -18.19 -8.03 10.20
CA PRO A 170 -19.31 -7.07 10.41
C PRO A 170 -18.99 -6.14 11.59
N ASP A 171 -19.66 -4.97 11.63
CA ASP A 171 -19.71 -4.10 12.78
C ASP A 171 -18.34 -3.52 13.01
N ALA A 172 -17.79 -2.95 11.95
CA ALA A 172 -16.42 -2.56 11.86
C ALA A 172 -16.23 -1.09 12.20
N PRO A 173 -15.10 -0.78 12.82
CA PRO A 173 -14.91 0.66 12.95
C PRO A 173 -14.64 1.33 11.58
N ILE A 174 -14.32 0.55 10.55
CA ILE A 174 -13.93 1.09 9.27
C ILE A 174 -14.90 0.45 8.26
N VAL A 175 -15.95 1.19 7.93
CA VAL A 175 -17.07 0.57 7.24
C VAL A 175 -17.02 0.88 5.74
N PHE A 176 -17.06 -0.14 4.88
CA PHE A 176 -17.13 0.15 3.42
C PHE A 176 -18.45 0.77 3.06
N GLU A 177 -18.40 1.81 2.24
CA GLU A 177 -19.59 2.45 1.70
C GLU A 177 -19.77 1.77 0.39
N SER A 178 -20.36 0.59 0.47
CA SER A 178 -20.49 -0.37 -0.62
C SER A 178 -20.70 0.14 -2.00
N LYS A 179 -21.50 1.18 -2.17
CA LYS A 179 -21.83 1.55 -3.54
C LYS A 179 -21.01 2.72 -4.06
N LEU A 180 -20.12 3.28 -3.25
CA LEU A 180 -19.44 4.53 -3.60
C LEU A 180 -17.99 4.23 -4.05
N ARG A 181 -17.81 3.90 -5.32
CA ARG A 181 -16.54 3.48 -5.80
C ARG A 181 -16.53 3.53 -7.30
N GLY A 182 -15.35 3.44 -7.89
CA GLY A 182 -15.18 3.54 -9.32
C GLY A 182 -13.92 2.76 -9.59
N SER A 183 -13.96 1.85 -10.58
CA SER A 183 -12.74 1.15 -11.07
C SER A 183 -12.46 1.57 -12.46
N HIS A 184 -11.22 1.30 -12.85
CA HIS A 184 -10.81 1.49 -14.20
C HIS A 184 -9.74 0.41 -14.47
N MET A 185 -10.00 -0.43 -15.46
CA MET A 185 -9.04 -1.45 -15.83
C MET A 185 -8.74 -1.36 -17.30
N ALA A 186 -7.50 -1.66 -17.68
CA ALA A 186 -7.09 -1.48 -19.10
C ALA A 186 -5.86 -2.32 -19.44
N HIS A 187 -5.69 -2.61 -20.74
CA HIS A 187 -4.47 -3.30 -21.22
C HIS A 187 -3.47 -2.23 -21.52
N VAL A 188 -2.30 -2.29 -20.90
CA VAL A 188 -1.36 -1.23 -20.90
C VAL A 188 0.05 -1.73 -20.42
N TYR A 189 1.09 -1.14 -21.00
CA TYR A 189 2.45 -1.54 -20.74
C TYR A 189 3.29 -0.43 -20.08
N ASP A 190 2.81 0.11 -18.96
CA ASP A 190 3.58 1.12 -18.23
C ASP A 190 4.61 0.55 -17.22
N PHE A 191 4.26 -0.50 -16.49
CA PHE A 191 5.19 -1.15 -15.59
C PHE A 191 4.74 -2.63 -15.52
N TYR A 192 5.69 -3.55 -15.61
CA TYR A 192 5.37 -4.98 -15.69
C TYR A 192 6.62 -5.78 -15.40
N LYS A 193 6.46 -7.12 -15.26
CA LYS A 193 7.63 -7.98 -15.09
C LYS A 193 7.73 -9.22 -16.03
N PRO A 194 8.27 -9.02 -17.27
CA PRO A 194 8.33 -10.03 -18.34
C PRO A 194 9.53 -10.96 -18.19
N ASN A 195 10.44 -10.49 -17.34
CA ASN A 195 11.71 -11.12 -17.15
C ASN A 195 11.64 -12.07 -15.96
N LEU A 196 11.30 -13.30 -16.26
CA LEU A 196 10.90 -14.24 -15.24
C LEU A 196 11.99 -14.40 -14.15
N ALA A 197 13.26 -14.43 -14.61
CA ALA A 197 14.43 -14.64 -13.76
C ALA A 197 14.85 -13.41 -12.92
N SER A 198 14.62 -12.18 -13.36
CA SER A 198 14.94 -11.05 -12.44
C SER A 198 13.80 -10.50 -11.59
N GLU A 199 14.18 -10.01 -10.40
CA GLU A 199 13.25 -9.30 -9.52
C GLU A 199 12.82 -7.97 -10.15
N TYR A 200 13.57 -7.49 -11.14
CA TYR A 200 13.36 -6.16 -11.66
C TYR A 200 12.33 -5.94 -12.77
N PRO A 201 11.42 -5.00 -12.53
CA PRO A 201 10.41 -4.60 -13.52
C PRO A 201 11.00 -3.99 -14.81
N VAL A 202 10.32 -4.08 -15.94
CA VAL A 202 10.50 -3.12 -17.03
C VAL A 202 9.51 -1.95 -16.73
N VAL A 203 10.05 -0.73 -16.61
CA VAL A 203 9.29 0.48 -16.22
C VAL A 203 9.46 1.53 -17.25
N ASP A 204 8.35 2.03 -17.76
CA ASP A 204 8.38 3.15 -18.68
C ASP A 204 7.81 4.38 -17.93
N GLY A 205 8.54 4.79 -16.88
CA GLY A 205 8.28 5.98 -16.02
C GLY A 205 7.55 7.23 -16.51
N LYS A 206 7.66 7.53 -17.81
CA LYS A 206 6.79 8.51 -18.45
C LYS A 206 5.35 7.93 -18.46
N LEU A 207 5.11 6.89 -19.29
CA LEU A 207 3.81 6.18 -19.36
C LEU A 207 3.31 5.86 -17.95
N SER A 208 4.25 5.45 -17.08
CA SER A 208 3.90 5.08 -15.70
C SER A 208 3.17 6.19 -14.94
N GLN A 209 3.38 7.47 -15.29
CA GLN A 209 2.62 8.56 -14.62
C GLN A 209 1.31 8.91 -15.39
N THR A 210 1.39 8.97 -16.71
CA THR A 210 0.27 9.25 -17.63
C THR A 210 -0.92 8.25 -17.54
N CYS A 211 -0.66 7.11 -16.92
CA CYS A 211 -1.61 6.01 -16.90
C CYS A 211 -2.17 5.97 -15.52
N TYR A 212 -1.32 6.28 -14.54
CA TYR A 212 -1.75 6.45 -13.19
C TYR A 212 -2.83 7.49 -13.17
N LEU A 213 -2.68 8.59 -13.89
CA LEU A 213 -3.66 9.68 -13.77
C LEU A 213 -4.86 9.46 -14.67
N MET A 214 -4.60 8.92 -15.86
CA MET A 214 -5.63 8.37 -16.73
C MET A 214 -6.65 7.55 -15.89
N ALA A 215 -6.13 6.66 -15.02
CA ALA A 215 -6.92 5.75 -14.20
C ALA A 215 -7.57 6.46 -13.04
N LEU A 216 -6.83 7.38 -12.40
CA LEU A 216 -7.36 8.19 -11.29
C LEU A 216 -8.55 9.09 -11.74
N ASP A 217 -8.44 9.80 -12.88
CA ASP A 217 -9.55 10.59 -13.45
C ASP A 217 -10.77 9.69 -13.69
N SER A 218 -10.58 8.53 -14.32
CA SER A 218 -11.73 7.61 -14.53
C SER A 218 -12.32 7.02 -13.26
N CYS A 219 -11.51 6.54 -12.33
CA CYS A 219 -12.06 6.14 -11.04
C CYS A 219 -12.85 7.28 -10.38
N TYR A 220 -12.26 8.47 -10.32
CA TYR A 220 -12.90 9.61 -9.65
C TYR A 220 -14.24 9.96 -10.32
N LYS A 221 -14.28 9.95 -11.65
CA LYS A 221 -15.51 10.19 -12.41
C LYS A 221 -16.56 9.14 -12.05
N HIS A 222 -16.12 7.89 -11.91
CA HIS A 222 -17.07 6.81 -11.73
C HIS A 222 -17.59 6.88 -10.31
N LEU A 223 -16.74 7.31 -9.41
CA LEU A 223 -17.18 7.55 -8.06
C LEU A 223 -18.14 8.75 -7.96
N CYS A 224 -17.81 9.83 -8.66
CA CYS A 224 -18.74 11.00 -8.69
C CYS A 224 -20.11 10.59 -9.24
N ASN A 225 -20.14 9.87 -10.38
CA ASN A 225 -21.40 9.42 -10.93
C ASN A 225 -22.19 8.69 -9.87
N LYS A 226 -21.57 7.75 -9.16
CA LYS A 226 -22.30 7.06 -8.07
C LYS A 226 -22.82 8.05 -6.99
N PHE A 227 -22.01 9.02 -6.62
CA PHE A 227 -22.36 9.92 -5.51
C PHE A 227 -23.59 10.76 -5.83
N GLU A 228 -23.70 11.25 -7.07
CA GLU A 228 -24.94 11.90 -7.48
C GLU A 228 -26.15 11.10 -7.18
N LYS A 229 -26.18 9.85 -7.64
CA LYS A 229 -27.30 8.96 -7.35
C LYS A 229 -27.50 8.85 -5.84
N LEU A 230 -26.51 8.35 -5.10
CA LEU A 230 -26.63 8.26 -3.64
C LEU A 230 -27.16 9.51 -2.86
N GLU A 231 -26.47 10.61 -2.98
CA GLU A 231 -26.62 11.67 -2.01
C GLU A 231 -27.25 12.96 -2.58
N GLY A 232 -27.33 13.02 -3.89
CA GLY A 232 -28.15 13.99 -4.59
C GLY A 232 -27.34 15.16 -5.03
N LYS A 233 -26.03 15.11 -4.79
CA LYS A 233 -25.13 16.23 -4.99
C LYS A 233 -23.99 15.81 -5.90
N GLU A 234 -23.38 16.80 -6.52
CA GLU A 234 -22.14 16.56 -7.24
C GLU A 234 -20.97 16.44 -6.26
N PHE A 235 -20.14 15.39 -6.43
CA PHE A 235 -18.91 15.20 -5.62
C PHE A 235 -17.85 16.24 -5.85
N SER A 236 -17.39 16.87 -4.77
CA SER A 236 -16.20 17.74 -4.84
C SER A 236 -15.16 17.18 -3.89
N ILE A 237 -13.94 17.70 -3.96
CA ILE A 237 -12.92 17.38 -2.92
C ILE A 237 -13.39 17.68 -1.48
N ASN A 238 -14.41 18.53 -1.37
CA ASN A 238 -15.01 18.87 -0.08
C ASN A 238 -15.83 17.77 0.58
N ASP A 239 -16.06 16.68 -0.13
CA ASP A 239 -17.05 15.74 0.31
C ASP A 239 -16.54 14.56 1.12
N ALA A 240 -15.25 14.62 1.46
CA ALA A 240 -14.49 13.60 2.11
C ALA A 240 -13.52 14.30 3.02
N ASP A 241 -13.31 13.78 4.20
CA ASP A 241 -12.31 14.41 5.03
C ASP A 241 -10.87 14.14 4.59
N TYR A 242 -10.63 12.94 4.07
CA TYR A 242 -9.26 12.46 3.77
C TYR A 242 -9.24 11.70 2.49
N PHE A 243 -8.23 11.99 1.69
CA PHE A 243 -7.88 11.16 0.54
C PHE A 243 -6.58 10.34 0.78
N VAL A 244 -6.71 9.02 0.63
CA VAL A 244 -5.60 8.10 0.85
C VAL A 244 -5.21 7.49 -0.51
N PHE A 245 -3.93 7.34 -0.77
CA PHE A 245 -3.50 6.98 -2.10
C PHE A 245 -2.48 5.86 -2.11
N HIS A 246 -2.39 5.12 -3.20
CA HIS A 246 -1.19 4.31 -3.37
C HIS A 246 -0.04 5.29 -3.39
N SER A 247 1.00 5.01 -2.64
CA SER A 247 2.10 5.98 -2.41
C SER A 247 3.50 5.42 -2.85
N PRO A 248 3.70 5.30 -4.18
CA PRO A 248 5.02 4.82 -4.63
C PRO A 248 6.20 5.83 -4.32
N TYR A 249 5.85 7.11 -4.13
CA TYR A 249 6.76 8.19 -3.63
C TYR A 249 5.85 9.37 -3.51
N ASN A 250 6.25 10.25 -2.60
CA ASN A 250 5.35 11.26 -2.16
C ASN A 250 5.09 12.25 -3.24
N LYS A 251 6.02 12.46 -4.17
CA LYS A 251 5.77 13.52 -5.16
C LYS A 251 4.42 13.24 -5.83
N LEU A 252 4.30 12.03 -6.37
CA LEU A 252 3.12 11.60 -7.09
C LEU A 252 1.86 11.55 -6.20
N VAL A 253 2.03 11.33 -4.90
CA VAL A 253 0.92 11.54 -3.99
C VAL A 253 0.38 12.99 -4.10
N GLN A 254 1.26 13.99 -4.09
CA GLN A 254 0.81 15.36 -4.22
C GLN A 254 0.18 15.72 -5.56
N LYS A 255 0.73 15.22 -6.65
CA LYS A 255 0.12 15.48 -7.94
C LYS A 255 -1.24 14.76 -8.09
N SER A 256 -1.49 13.77 -7.26
CA SER A 256 -2.71 12.98 -7.43
C SER A 256 -3.91 13.72 -6.87
N PHE A 257 -3.76 14.24 -5.67
CA PHE A 257 -4.79 15.00 -5.02
C PHE A 257 -5.07 16.30 -5.80
N ALA A 258 -3.99 17.01 -6.09
CA ALA A 258 -4.05 18.19 -6.95
C ALA A 258 -4.74 17.92 -8.29
N ARG A 259 -4.75 16.66 -8.72
CA ARG A 259 -5.44 16.34 -9.96
C ARG A 259 -6.93 16.19 -9.72
N LEU A 260 -7.28 15.87 -8.48
CA LEU A 260 -8.67 15.64 -8.10
C LEU A 260 -9.33 17.00 -8.19
N LEU A 261 -8.82 17.91 -7.36
CA LEU A 261 -8.91 19.36 -7.53
C LEU A 261 -9.06 19.88 -8.98
N TYR A 262 -8.13 19.54 -9.87
CA TYR A 262 -8.34 19.91 -11.28
C TYR A 262 -9.62 19.28 -11.91
N ASN A 263 -9.91 18.03 -11.56
CA ASN A 263 -11.11 17.34 -12.03
C ASN A 263 -12.35 18.10 -11.60
N ASP A 264 -12.36 18.61 -10.37
CA ASP A 264 -13.41 19.46 -9.89
C ASP A 264 -13.64 20.68 -10.80
N PHE A 265 -12.56 21.28 -11.27
CA PHE A 265 -12.69 22.42 -12.19
C PHE A 265 -13.48 21.94 -13.39
N LEU A 266 -12.91 21.02 -14.16
CA LEU A 266 -13.57 20.46 -15.34
C LEU A 266 -15.07 20.22 -15.20
N ARG A 267 -15.49 19.79 -14.01
CA ARG A 267 -16.89 19.50 -13.70
C ARG A 267 -17.57 20.72 -13.10
N ASN A 268 -16.80 21.78 -12.88
CA ASN A 268 -17.26 23.02 -12.27
C ASN A 268 -18.00 22.76 -10.94
N ALA A 269 -17.38 22.01 -10.02
CA ALA A 269 -18.02 21.65 -8.73
C ALA A 269 -17.81 22.64 -7.55
N SER A 270 -18.55 22.40 -6.45
CA SER A 270 -18.55 23.20 -5.21
C SER A 270 -17.22 23.78 -4.73
N SER A 271 -16.14 23.01 -4.84
CA SER A 271 -14.82 23.35 -4.28
C SER A 271 -13.96 24.25 -5.17
N ILE A 272 -14.46 24.56 -6.36
CA ILE A 272 -13.81 25.48 -7.29
C ILE A 272 -14.40 26.93 -7.19
N ASP A 273 -13.69 27.83 -6.53
CA ASP A 273 -14.16 29.22 -6.41
C ASP A 273 -13.73 30.04 -7.63
N GLU A 274 -14.10 31.33 -7.64
CA GLU A 274 -13.84 32.25 -8.76
C GLU A 274 -12.35 32.45 -9.12
N ALA A 275 -11.48 32.64 -8.13
CA ALA A 275 -10.05 32.83 -8.42
C ALA A 275 -9.38 31.59 -9.10
N ALA A 276 -9.87 30.40 -8.71
CA ALA A 276 -9.38 29.13 -9.24
C ALA A 276 -9.76 28.99 -10.70
N LYS A 277 -11.03 29.31 -11.01
CA LYS A 277 -11.58 29.23 -12.38
C LYS A 277 -10.69 29.98 -13.39
N GLU A 278 -10.12 31.12 -13.00
CA GLU A 278 -9.18 31.88 -13.84
C GLU A 278 -7.79 31.21 -13.95
N LYS A 279 -7.18 30.94 -12.80
CA LYS A 279 -5.92 30.21 -12.78
C LYS A 279 -6.04 29.02 -13.70
N PHE A 280 -7.07 28.20 -13.51
CA PHE A 280 -7.27 27.03 -14.36
C PHE A 280 -7.54 27.35 -15.81
N THR A 281 -8.06 28.55 -16.07
CA THR A 281 -8.71 28.84 -17.35
C THR A 281 -7.86 28.77 -18.64
N PRO A 282 -6.58 29.24 -18.61
CA PRO A 282 -5.75 29.06 -19.81
C PRO A 282 -5.72 27.61 -20.32
N TYR A 283 -5.82 26.64 -19.39
CA TYR A 283 -5.68 25.19 -19.67
C TYR A 283 -6.95 24.47 -20.18
N SER A 284 -8.05 25.21 -20.23
CA SER A 284 -9.31 24.70 -20.78
C SER A 284 -9.10 24.13 -22.18
N SER A 285 -8.35 24.83 -23.02
CA SER A 285 -8.23 24.43 -24.42
C SER A 285 -7.26 23.25 -24.72
N LEU A 286 -6.73 22.60 -23.67
CA LEU A 286 -5.85 21.42 -23.84
C LEU A 286 -6.62 20.10 -24.04
N SER A 287 -6.09 19.23 -24.91
CA SER A 287 -6.52 17.84 -24.94
C SER A 287 -6.04 17.16 -23.67
N LEU A 288 -6.68 16.04 -23.31
CA LEU A 288 -6.26 15.13 -22.22
C LEU A 288 -4.79 14.69 -22.39
N ASP A 289 -4.45 14.16 -23.57
CA ASP A 289 -3.08 13.86 -23.97
C ASP A 289 -2.20 15.12 -23.77
N GLU A 290 -2.85 16.24 -23.54
CA GLU A 290 -2.16 17.47 -23.18
C GLU A 290 -2.19 17.72 -21.69
N SER A 291 -3.29 17.36 -21.03
CA SER A 291 -3.50 17.61 -19.60
C SER A 291 -2.57 16.75 -18.78
N TYR A 292 -2.32 15.54 -19.29
CA TYR A 292 -1.36 14.58 -18.69
C TYR A 292 0.06 14.98 -18.95
N GLN A 293 0.37 15.35 -20.19
CA GLN A 293 1.72 15.66 -20.55
C GLN A 293 2.22 17.04 -20.08
N SER A 294 1.38 17.82 -19.41
CA SER A 294 1.66 19.28 -19.22
C SER A 294 2.12 19.74 -17.84
N ARG A 295 3.36 20.22 -17.76
CA ARG A 295 3.95 20.61 -16.48
C ARG A 295 3.39 21.92 -15.91
N ASP A 296 3.15 22.90 -16.79
CA ASP A 296 2.61 24.15 -16.33
C ASP A 296 1.42 23.78 -15.45
N LEU A 297 0.54 22.90 -15.97
CA LEU A 297 -0.71 22.48 -15.27
C LEU A 297 -0.54 21.77 -13.90
N GLU A 298 0.46 20.90 -13.78
CA GLU A 298 0.76 20.25 -12.50
C GLU A 298 1.11 21.32 -11.52
N LYS A 299 2.06 22.16 -11.95
CA LYS A 299 2.48 23.37 -11.21
C LYS A 299 1.26 24.19 -10.65
N VAL A 300 0.30 24.49 -11.52
CA VAL A 300 -0.81 25.31 -11.10
C VAL A 300 -1.73 24.51 -10.20
N SER A 301 -1.90 23.22 -10.52
CA SER A 301 -2.80 22.36 -9.73
C SER A 301 -2.39 22.30 -8.26
N GLN A 302 -1.09 22.05 -8.01
CA GLN A 302 -0.58 21.79 -6.67
C GLN A 302 -0.72 22.99 -5.77
N GLN A 303 -0.65 24.17 -6.39
CA GLN A 303 -0.64 25.43 -5.69
C GLN A 303 -2.01 25.76 -5.13
N LEU A 304 -3.05 25.54 -5.94
CA LEU A 304 -4.41 25.69 -5.45
C LEU A 304 -4.65 24.62 -4.38
N ALA A 305 -4.02 23.47 -4.58
CA ALA A 305 -4.36 22.30 -3.82
C ALA A 305 -3.64 22.35 -2.50
N LYS A 306 -2.67 23.24 -2.39
CA LYS A 306 -1.71 23.14 -1.31
C LYS A 306 -2.34 22.99 0.07
N THR A 307 -3.39 23.72 0.36
CA THR A 307 -3.73 23.92 1.76
C THR A 307 -4.72 22.84 2.12
N TYR A 308 -5.53 22.47 1.13
CA TYR A 308 -6.45 21.36 1.26
C TYR A 308 -5.60 20.09 1.45
N TYR A 309 -4.60 19.91 0.55
CA TYR A 309 -3.70 18.72 0.62
C TYR A 309 -3.11 18.60 2.02
N ASP A 310 -2.85 19.73 2.65
CA ASP A 310 -2.29 19.68 3.98
C ASP A 310 -3.36 19.18 4.97
N ALA A 311 -4.63 19.43 4.63
CA ALA A 311 -5.73 19.03 5.51
C ALA A 311 -6.13 17.58 5.25
N LYS A 312 -6.27 17.24 3.98
CA LYS A 312 -6.89 16.00 3.64
C LYS A 312 -5.91 14.83 3.37
N VAL A 313 -4.75 15.13 2.74
CA VAL A 313 -3.73 14.15 2.40
C VAL A 313 -2.50 14.04 3.27
N GLN A 314 -1.96 15.17 3.70
CA GLN A 314 -0.71 15.18 4.52
C GLN A 314 -0.57 14.10 5.63
N PRO A 315 -1.59 13.82 6.46
CA PRO A 315 -1.41 12.85 7.56
C PRO A 315 -1.46 11.35 7.18
N THR A 316 -1.44 11.03 5.88
CA THR A 316 -1.47 9.65 5.39
C THR A 316 -0.05 9.30 5.00
N THR A 317 0.86 10.28 5.14
CA THR A 317 2.14 10.17 4.52
C THR A 317 3.26 9.68 5.44
N LEU A 318 3.03 9.53 6.74
CA LEU A 318 4.15 9.17 7.61
C LEU A 318 4.90 7.91 7.16
N VAL A 319 4.18 6.77 7.09
CA VAL A 319 4.84 5.50 6.83
C VAL A 319 5.39 5.40 5.41
N PRO A 320 4.59 5.74 4.40
CA PRO A 320 5.25 5.66 3.10
C PRO A 320 6.56 6.40 3.03
N LYS A 321 6.62 7.63 3.59
CA LYS A 321 7.78 8.52 3.41
C LYS A 321 9.04 8.06 4.14
N GLN A 322 8.84 7.19 5.12
CA GLN A 322 9.91 6.69 6.00
C GLN A 322 10.22 5.23 5.71
N VAL A 323 9.60 4.66 4.65
CA VAL A 323 9.73 3.21 4.32
C VAL A 323 9.97 2.96 2.82
N GLY A 324 9.23 3.68 1.97
CA GLY A 324 9.41 3.67 0.51
C GLY A 324 8.19 3.00 -0.12
N ASN A 325 8.26 2.65 -1.41
CA ASN A 325 7.17 1.94 -2.11
C ASN A 325 6.94 0.58 -1.49
N MET A 326 5.71 0.34 -1.05
CA MET A 326 5.41 -0.94 -0.48
C MET A 326 4.44 -1.74 -1.36
N TYR A 327 4.38 -1.41 -2.64
CA TYR A 327 3.52 -2.09 -3.56
C TYR A 327 2.10 -2.40 -2.94
N THR A 328 1.65 -3.65 -2.89
CA THR A 328 0.25 -3.83 -2.58
C THR A 328 -0.14 -3.28 -1.21
N ALA A 329 0.86 -3.14 -0.32
CA ALA A 329 0.62 -2.69 1.05
C ALA A 329 0.75 -1.16 1.17
N SER A 330 1.24 -0.48 0.12
CA SER A 330 1.35 1.00 0.11
C SER A 330 0.08 1.81 0.50
N LEU A 331 -1.00 1.76 -0.29
CA LEU A 331 -2.30 2.29 0.15
C LEU A 331 -2.63 2.08 1.64
N TYR A 332 -2.39 0.88 2.13
CA TYR A 332 -2.90 0.49 3.43
C TYR A 332 -1.91 0.89 4.51
N ALA A 333 -0.66 1.17 4.07
CA ALA A 333 0.33 1.78 4.96
C ALA A 333 0.06 3.26 5.04
N ALA A 334 -0.38 3.87 3.94
CA ALA A 334 -0.82 5.26 3.98
C ALA A 334 -2.08 5.43 4.88
N PHE A 335 -2.98 4.45 4.81
CA PHE A 335 -4.20 4.47 5.58
C PHE A 335 -3.82 4.31 7.02
N ALA A 336 -2.85 3.43 7.30
CA ALA A 336 -2.35 3.18 8.66
C ALA A 336 -1.74 4.38 9.34
N SER A 337 -0.95 5.14 8.61
CA SER A 337 -0.35 6.28 9.22
C SER A 337 -1.41 7.38 9.48
N LEU A 338 -2.45 7.42 8.63
CA LEU A 338 -3.62 8.29 8.80
C LEU A 338 -4.29 7.95 10.12
N VAL A 339 -4.39 6.64 10.43
CA VAL A 339 -5.03 6.18 11.71
C VAL A 339 -4.11 6.47 12.88
N HIS A 340 -2.82 6.38 12.65
CA HIS A 340 -1.86 6.70 13.65
C HIS A 340 -2.00 8.21 14.03
N ASN A 341 -2.01 9.08 13.03
CA ASN A 341 -2.10 10.50 13.20
C ASN A 341 -3.44 11.06 13.66
N LYS A 342 -4.54 10.70 13.01
CA LYS A 342 -5.78 11.38 13.32
C LYS A 342 -6.87 10.44 13.89
N HIS A 343 -6.47 9.44 14.66
CA HIS A 343 -7.41 8.46 15.17
C HIS A 343 -8.50 9.08 16.05
N SER A 344 -8.27 10.33 16.50
CA SER A 344 -9.19 11.01 17.40
C SER A 344 -10.20 11.83 16.65
N ASP A 345 -9.79 12.61 15.65
CA ASP A 345 -10.74 13.23 14.70
C ASP A 345 -11.58 12.23 13.84
N LEU A 346 -11.39 10.91 13.95
CA LEU A 346 -11.88 10.00 12.88
C LEU A 346 -13.33 9.53 12.93
N ALA A 347 -13.86 9.18 14.11
CA ALA A 347 -15.31 8.94 14.26
C ALA A 347 -16.09 9.89 13.37
N GLY A 348 -16.93 9.34 12.49
CA GLY A 348 -17.89 10.10 11.72
C GLY A 348 -17.30 10.64 10.45
N LYS A 349 -16.08 10.27 10.13
CA LYS A 349 -15.43 10.87 8.94
C LYS A 349 -15.41 9.89 7.78
N ARG A 350 -15.33 10.47 6.60
CA ARG A 350 -15.23 9.75 5.35
C ARG A 350 -13.79 9.71 4.81
N VAL A 351 -13.24 8.51 4.68
CA VAL A 351 -11.95 8.33 4.03
C VAL A 351 -12.11 7.82 2.56
N VAL A 352 -11.60 8.55 1.58
CA VAL A 352 -11.59 8.06 0.22
C VAL A 352 -10.26 7.43 -0.21
N MET A 353 -10.32 6.17 -0.61
CA MET A 353 -9.12 5.37 -0.89
C MET A 353 -8.93 5.22 -2.37
N PHE A 354 -7.78 5.59 -2.92
CA PHE A 354 -7.52 5.24 -4.30
C PHE A 354 -6.42 4.17 -4.52
N SER A 355 -6.83 2.94 -4.88
CA SER A 355 -5.88 1.85 -5.27
C SER A 355 -5.51 1.76 -6.77
N TYR A 356 -4.21 1.82 -7.08
CA TYR A 356 -3.75 1.70 -8.47
C TYR A 356 -2.82 0.51 -8.58
N GLY A 357 -2.80 -0.15 -9.73
CA GLY A 357 -1.79 -1.22 -10.01
C GLY A 357 -1.45 -1.05 -11.47
N SER A 358 -0.20 -1.12 -11.86
CA SER A 358 0.12 -0.90 -13.29
C SER A 358 -0.44 -1.99 -14.19
N GLY A 359 -0.53 -1.71 -15.49
CA GLY A 359 -0.86 -2.72 -16.43
C GLY A 359 -2.22 -2.81 -17.12
N SER A 360 -3.31 -2.12 -16.69
CA SER A 360 -3.54 -1.45 -15.37
C SER A 360 -4.88 -1.82 -14.74
N THR A 361 -4.97 -1.80 -13.40
CA THR A 361 -6.14 -2.13 -12.62
C THR A 361 -6.25 -1.15 -11.44
N ALA A 362 -7.43 -0.51 -11.29
CA ALA A 362 -7.53 0.64 -10.37
C ALA A 362 -8.88 0.70 -9.78
N THR A 363 -9.01 1.21 -8.55
CA THR A 363 -10.28 1.38 -7.83
C THR A 363 -10.16 2.42 -6.73
N MET A 364 -11.05 3.43 -6.79
CA MET A 364 -11.28 4.38 -5.71
C MET A 364 -12.48 3.89 -4.94
N PHE A 365 -12.44 3.98 -3.63
CA PHE A 365 -13.58 3.44 -2.87
C PHE A 365 -13.66 4.15 -1.55
N SER A 366 -14.76 4.05 -0.84
CA SER A 366 -14.96 4.95 0.29
C SER A 366 -15.24 4.26 1.58
N LEU A 367 -14.79 4.85 2.69
CA LEU A 367 -14.96 4.27 4.02
C LEU A 367 -15.55 5.33 4.97
N ARG A 368 -16.41 4.88 5.88
CA ARG A 368 -16.99 5.65 6.90
C ARG A 368 -16.42 5.03 8.12
N LEU A 369 -15.68 5.80 8.87
CA LEU A 369 -15.14 5.32 10.08
C LEU A 369 -16.03 5.78 11.22
N CYS A 370 -15.95 5.04 12.31
CA CYS A 370 -16.91 5.24 13.31
C CYS A 370 -16.38 4.86 14.68
N GLU A 371 -17.05 5.49 15.64
CA GLU A 371 -17.19 5.09 17.03
C GLU A 371 -17.46 3.59 17.17
N ASN A 372 -16.47 2.81 17.62
CA ASN A 372 -16.70 1.37 17.87
C ASN A 372 -16.02 0.90 19.17
N GLN A 373 -15.97 -0.40 19.41
CA GLN A 373 -15.66 -0.95 20.72
C GLN A 373 -14.40 -1.76 20.63
N SER A 374 -13.52 -1.64 21.62
CA SER A 374 -12.28 -2.38 21.56
C SER A 374 -12.62 -3.85 21.72
N PRO A 375 -11.81 -4.78 21.14
CA PRO A 375 -10.49 -4.61 20.48
C PRO A 375 -10.50 -3.82 19.16
N PHE A 376 -11.70 -3.69 18.56
CA PHE A 376 -11.83 -3.28 17.19
C PHE A 376 -12.20 -1.82 17.17
N SER A 377 -11.30 -0.99 17.66
CA SER A 377 -11.53 0.45 17.70
C SER A 377 -10.47 1.25 16.94
N LEU A 378 -10.85 2.38 16.39
CA LEU A 378 -9.82 3.31 15.90
C LEU A 378 -8.67 3.56 16.92
N SER A 379 -8.97 3.72 18.22
CA SER A 379 -7.85 3.92 19.18
C SER A 379 -7.05 2.63 19.43
N ASN A 380 -7.76 1.51 19.59
CA ASN A 380 -7.00 0.31 19.85
C ASN A 380 -6.12 -0.09 18.65
N ILE A 381 -6.64 0.07 17.44
CA ILE A 381 -5.83 -0.16 16.27
C ILE A 381 -4.55 0.67 16.26
N ALA A 382 -4.69 1.99 16.46
CA ALA A 382 -3.52 2.91 16.42
C ALA A 382 -2.50 2.53 17.48
N SER A 383 -3.03 2.16 18.63
CA SER A 383 -2.23 1.67 19.70
C SER A 383 -1.55 0.39 19.29
N VAL A 384 -2.34 -0.64 18.94
CA VAL A 384 -1.74 -1.92 18.57
C VAL A 384 -0.64 -1.84 17.50
N MET A 385 -0.77 -0.95 16.53
CA MET A 385 0.09 -0.93 15.37
C MET A 385 1.46 -0.38 15.68
N ASP A 386 1.51 0.48 16.72
CA ASP A 386 2.74 1.04 17.30
C ASP A 386 3.74 1.57 16.26
N VAL A 387 3.19 2.40 15.39
CA VAL A 387 3.91 2.92 14.24
C VAL A 387 5.16 3.78 14.68
N GLY A 388 5.05 4.44 15.84
CA GLY A 388 6.09 5.26 16.42
C GLY A 388 7.12 4.37 17.04
N GLY A 389 6.65 3.36 17.77
CA GLY A 389 7.54 2.34 18.25
C GLY A 389 8.33 1.81 17.09
N LYS A 390 7.66 1.37 16.04
CA LYS A 390 8.39 0.65 15.00
C LYS A 390 9.39 1.56 14.31
N LEU A 391 9.05 2.81 14.12
CA LEU A 391 9.93 3.70 13.40
C LEU A 391 11.21 3.91 14.22
N LYS A 392 11.05 3.82 15.55
CA LYS A 392 12.14 3.96 16.51
C LYS A 392 13.10 2.79 16.55
N ALA A 393 12.64 1.58 16.23
CA ALA A 393 13.54 0.40 16.31
C ALA A 393 14.16 0.04 14.98
N ARG A 394 14.30 1.01 14.06
CA ARG A 394 15.00 0.85 12.77
C ARG A 394 16.56 0.84 12.88
N HIS A 395 17.23 0.17 11.93
CA HIS A 395 18.67 0.09 11.89
C HIS A 395 19.20 0.57 10.52
N GLU A 396 19.96 1.67 10.52
CA GLU A 396 20.50 2.25 9.26
C GLU A 396 21.71 1.49 8.73
N TYR A 397 21.86 1.52 7.41
CA TYR A 397 22.90 0.91 6.66
C TYR A 397 23.46 2.04 5.82
N ALA A 398 24.77 2.22 5.83
CA ALA A 398 25.45 3.08 4.89
C ALA A 398 25.03 2.65 3.48
N PRO A 399 24.74 3.61 2.58
CA PRO A 399 24.41 3.30 1.16
C PRO A 399 25.16 2.11 0.53
N GLU A 400 26.49 2.12 0.69
CA GLU A 400 27.41 0.99 0.54
C GLU A 400 26.93 -0.41 0.93
N LYS A 401 26.71 -0.57 2.23
CA LYS A 401 26.23 -1.81 2.83
C LYS A 401 24.84 -2.14 2.29
N PHE A 402 24.17 -1.15 1.69
CA PHE A 402 22.89 -1.39 1.11
C PHE A 402 23.00 -1.82 -0.33
N VAL A 403 23.90 -1.17 -1.07
CA VAL A 403 24.20 -1.59 -2.44
C VAL A 403 24.66 -3.06 -2.46
N GLU A 404 25.41 -3.45 -1.42
CA GLU A 404 26.01 -4.79 -1.21
C GLU A 404 24.87 -5.76 -1.06
N THR A 405 24.02 -5.49 -0.06
CA THR A 405 22.82 -6.26 0.18
C THR A 405 21.93 -6.44 -1.07
N MET A 406 21.65 -5.35 -1.78
CA MET A 406 21.07 -5.47 -3.10
C MET A 406 21.77 -6.49 -4.02
N LYS A 407 23.08 -6.33 -4.26
CA LYS A 407 23.76 -7.38 -5.06
C LYS A 407 23.57 -8.78 -4.48
N LEU A 408 23.58 -8.91 -3.16
CA LEU A 408 23.31 -10.25 -2.57
C LEU A 408 21.90 -10.82 -2.85
N MET A 409 20.88 -9.98 -2.81
CA MET A 409 19.49 -10.40 -2.98
C MET A 409 19.21 -10.82 -4.41
N GLU A 410 19.95 -10.20 -5.30
CA GLU A 410 19.94 -10.51 -6.72
C GLU A 410 20.45 -11.90 -7.01
N HIS A 411 21.44 -12.35 -6.24
CA HIS A 411 21.96 -13.72 -6.30
C HIS A 411 20.99 -14.65 -5.61
N ARG A 412 20.15 -14.13 -4.73
CA ARG A 412 19.35 -15.14 -4.04
C ARG A 412 18.01 -15.33 -4.71
N TYR A 413 17.67 -14.41 -5.61
CA TYR A 413 16.35 -14.37 -6.20
C TYR A 413 16.26 -15.47 -7.20
N GLY A 414 15.37 -16.41 -6.94
CA GLY A 414 15.18 -17.52 -7.87
C GLY A 414 16.05 -18.70 -7.55
N ALA A 415 17.04 -18.56 -6.67
CA ALA A 415 18.06 -19.60 -6.50
C ALA A 415 17.71 -20.70 -5.51
N LYS A 416 18.56 -21.72 -5.46
CA LYS A 416 18.43 -22.84 -4.51
C LYS A 416 19.72 -23.20 -3.76
N GLU A 417 19.56 -23.88 -2.63
CA GLU A 417 20.63 -24.56 -1.88
C GLU A 417 21.67 -23.61 -1.34
N PHE A 418 21.20 -22.76 -0.42
CA PHE A 418 22.04 -21.85 0.32
C PHE A 418 21.44 -21.69 1.70
N VAL A 419 22.29 -21.79 2.71
CA VAL A 419 21.91 -21.40 4.06
C VAL A 419 22.16 -19.90 4.09
N THR A 420 21.43 -19.15 4.91
CA THR A 420 21.55 -17.70 4.88
C THR A 420 22.49 -17.25 5.97
N SER A 421 23.29 -16.25 5.65
CA SER A 421 24.23 -15.77 6.63
C SER A 421 23.61 -14.89 7.71
N LYS A 422 23.60 -15.48 8.91
CA LYS A 422 23.03 -14.91 10.11
C LYS A 422 23.76 -13.70 10.73
N GLU A 423 25.06 -13.83 11.07
CA GLU A 423 25.74 -12.84 11.95
C GLU A 423 25.74 -11.38 11.41
N GLY A 424 25.56 -10.43 12.34
CA GLY A 424 25.42 -9.01 12.00
C GLY A 424 24.00 -8.60 11.60
N ILE A 425 23.13 -9.60 11.45
CA ILE A 425 21.80 -9.39 10.91
C ILE A 425 20.74 -9.92 11.85
N LEU A 426 20.85 -11.17 12.27
CA LEU A 426 19.79 -11.75 13.08
C LEU A 426 19.50 -10.82 14.21
N ASP A 427 20.54 -10.32 14.88
CA ASP A 427 20.33 -9.50 16.06
C ASP A 427 19.81 -8.08 15.78
N LEU A 428 19.81 -7.65 14.53
CA LEU A 428 19.04 -6.47 14.11
C LEU A 428 17.48 -6.64 14.14
N LEU A 429 16.95 -7.87 14.18
CA LEU A 429 15.48 -8.09 14.13
C LEU A 429 14.81 -8.28 15.52
N ALA A 430 13.60 -7.72 15.70
CA ALA A 430 12.90 -7.76 17.01
C ALA A 430 12.65 -9.19 17.50
N PRO A 431 12.85 -9.47 18.80
CA PRO A 431 12.70 -10.87 19.26
C PRO A 431 11.35 -11.39 18.79
N GLY A 432 11.33 -12.52 18.09
CA GLY A 432 10.08 -13.08 17.54
C GLY A 432 9.73 -12.80 16.06
N THR A 433 10.60 -12.08 15.35
CA THR A 433 10.51 -12.00 13.89
C THR A 433 10.78 -13.39 13.24
N TYR A 434 10.00 -13.75 12.22
CA TYR A 434 10.34 -14.85 11.37
C TYR A 434 11.44 -14.45 10.39
N TYR A 435 12.33 -15.39 10.06
CA TYR A 435 13.44 -15.19 9.11
C TYR A 435 13.78 -16.49 8.36
N LEU A 436 14.21 -16.33 7.09
CA LEU A 436 14.67 -17.44 6.25
C LEU A 436 15.94 -18.09 6.85
N LYS A 437 15.86 -19.37 7.19
CA LYS A 437 17.01 -20.13 7.67
C LYS A 437 17.85 -20.71 6.51
N GLU A 438 17.14 -21.34 5.56
CA GLU A 438 17.72 -21.82 4.32
C GLU A 438 16.73 -22.06 3.13
N VAL A 439 17.32 -22.46 1.98
CA VAL A 439 16.59 -22.98 0.80
C VAL A 439 17.31 -24.25 0.30
N ASP A 440 16.63 -25.42 0.33
CA ASP A 440 17.31 -26.64 -0.02
C ASP A 440 17.49 -26.74 -1.50
N SER A 441 18.00 -27.89 -1.94
CA SER A 441 18.26 -28.13 -3.36
C SER A 441 16.98 -28.33 -4.17
N LEU A 442 15.84 -28.50 -3.51
CA LEU A 442 14.54 -28.67 -4.19
C LEU A 442 13.72 -27.34 -4.08
N TYR A 443 14.45 -26.24 -4.06
CA TYR A 443 14.02 -24.87 -3.70
C TYR A 443 13.05 -24.75 -2.51
N ARG A 444 12.85 -25.79 -1.72
CA ARG A 444 12.00 -25.61 -0.53
C ARG A 444 12.59 -24.69 0.54
N ARG A 445 11.70 -23.92 1.22
CA ARG A 445 12.08 -22.81 2.10
C ARG A 445 11.85 -23.08 3.58
N PHE A 446 12.82 -22.69 4.42
CA PHE A 446 12.73 -22.98 5.85
C PHE A 446 12.90 -21.72 6.64
N TYR A 447 12.01 -21.52 7.60
CA TYR A 447 11.94 -20.32 8.45
C TYR A 447 12.10 -20.68 9.90
N GLY A 448 12.86 -19.87 10.58
CA GLY A 448 12.83 -19.86 12.03
C GLY A 448 12.21 -18.61 12.59
N LYS A 449 11.89 -18.67 13.88
CA LYS A 449 11.44 -17.52 14.66
C LYS A 449 12.50 -17.09 15.67
N LYS A 450 12.97 -15.82 15.59
CA LYS A 450 13.32 -15.03 16.81
C LYS A 450 14.75 -14.53 16.95
P2A HMG B . 13.43 10.23 -12.05
P2A HMG B . 13.75 10.70 -13.64
O5A HMG B . 13.65 9.50 -13.37
O5A HMG B . 13.26 11.32 -14.94
O4A HMG B . 14.63 10.69 -11.26
O4A HMG B . 15.22 10.33 -13.54
O3A HMG B . 12.33 11.44 -12.22
O3A HMG B . 13.44 11.69 -12.37
O6A HMG B . 12.61 9.24 -11.08
O6A HMG B . 12.86 9.37 -13.34
P1A HMG B . 12.25 12.69 -13.28
P1A HMG B . 13.17 13.31 -12.20
O1A HMG B . 11.14 12.32 -14.28
O1A HMG B . 12.18 13.85 -13.20
O2A HMG B . 13.62 13.14 -13.82
O2A HMG B . 14.43 14.11 -11.98
O5B HMG B . 11.73 13.86 -12.29
O5B HMG B . 12.33 13.24 -10.81
C5B HMG B . 11.93 13.58 -10.90
C5B HMG B . 12.60 14.07 -9.68
C4B HMG B . 11.22 14.53 -9.93
C4B HMG B . 11.56 15.17 -9.53
O4B HMG B . 12.18 15.03 -9.00
O4B HMG B . 12.14 16.27 -8.84
C3B HMG B . 10.64 15.79 -10.56
C3B HMG B . 11.09 15.76 -10.87
O3B HMG B . 9.73 16.23 -9.55
O3B HMG B . 9.84 16.41 -10.66
C2B HMG B . 11.86 16.68 -10.60
C2B HMG B . 12.18 16.76 -11.15
O2B HMG B . 11.55 18.06 -10.80
O2B HMG B . 11.79 17.73 -12.12
C1B HMG B . 12.36 16.43 -9.20
C1B HMG B . 12.43 17.34 -9.76
P3B HMG B . 8.59 17.34 -9.74
P3B HMG B . 8.68 16.54 -11.79
O7A HMG B . 9.30 18.66 -9.86
O7A HMG B . 9.42 16.64 -13.11
O8A HMG B . 7.82 17.19 -8.46
O8A HMG B . 7.94 17.78 -11.35
O9A HMG B . 7.82 16.93 -10.98
O9A HMG B . 7.86 15.28 -11.61
N9A HMG B . 13.77 16.70 -8.96
N9A HMG B . 13.83 17.81 -9.55
C4A HMG B . 14.20 17.35 -7.88
C4A HMG B . 14.34 18.21 -8.38
N3A HMG B . 13.54 17.91 -6.84
N3A HMG B . 13.81 18.29 -7.13
C2A HMG B . 14.20 18.50 -5.85
C2A HMG B . 14.57 18.72 -6.11
N1A HMG B . 15.54 18.56 -5.90
N1A HMG B . 15.85 19.09 -6.31
C6A HMG B . 16.25 18.04 -6.93
C6A HMG B . 16.42 19.03 -7.54
C5A HMG B . 15.57 17.40 -7.95
C5A HMG B . 15.65 18.58 -8.61
N7A HMG B . 15.94 16.79 -9.09
N7A HMG B . 15.91 18.40 -9.92
C8A HMG B . 14.83 16.34 -9.71
C8A HMG B . 14.78 17.93 -10.49
N6A HMG B . 17.59 18.13 -6.95
N6A HMG B . 17.71 19.41 -7.74
CBP HMG B . 10.47 8.09 -11.37
CBP HMG B . 10.78 8.27 -12.29
CCP HMG B . 11.19 9.34 -10.85
CCP HMG B . 11.70 9.49 -12.47
CDP HMG B . 9.04 8.05 -10.84
CDP HMG B . 10.01 8.49 -10.99
CEP HMG B . 10.41 8.16 -12.89
CEP HMG B . 9.79 8.22 -13.46
CAP HMG B . 11.18 6.83 -10.88
CAP HMG B . 11.62 7.00 -12.12
OAP HMG B . 11.46 6.95 -9.48
OAP HMG B . 12.09 6.91 -10.75
C9P HMG B . 10.41 5.55 -11.14
C9P HMG B . 10.94 5.68 -12.47
O9P HMG B . 10.17 5.25 -12.30
O9P HMG B . 11.18 5.12 -13.56
N8P HMG B . 10.05 4.83 -10.07
N8P HMG B . 10.14 5.19 -11.50
C7P HMG B . 9.35 3.55 -9.92
C7P HMG B . 9.32 3.97 -11.37
C6P HMG B . 7.97 3.52 -10.58
C6P HMG B . 7.95 4.15 -12.05
C5P HMG B . 6.93 4.31 -9.80
C5P HMG B . 6.96 4.78 -11.08
O5P HMG B . 6.90 4.28 -8.58
O5P HMG B . 7.29 4.91 -9.90
N4P HMG B . 6.09 5.00 -10.59
N4P HMG B . 5.76 5.18 -11.56
C3P HMG B . 4.97 5.92 -10.36
C3P HMG B . 4.74 5.83 -10.73
C2P HMG B . 4.00 5.36 -9.34
C2P HMG B . 3.37 5.67 -11.33
S1P HMG B . 3.28 3.95 -10.08
S1P HMG B . 3.01 3.95 -11.59
C1 HMG B . 2.75 2.78 -9.02
C1 HMG B . 2.42 3.30 -10.15
O2 HMG B . 2.53 3.03 -7.86
O2 HMG B . 1.65 4.05 -9.56
C2 HMG B . 2.51 1.40 -9.51
C2 HMG B . 2.69 1.92 -9.54
C3 HMG B . 3.40 0.38 -8.84
C3 HMG B . 4.09 1.37 -9.18
O7 HMG B . 3.03 0.18 -7.44
O7 HMG B . 4.22 1.20 -7.73
C4 HMG B . 3.11 -0.89 -9.60
C4 HMG B . 4.21 0.09 -10.03
C5 HMG B . 2.04 -1.50 -8.73
C5 HMG B . 3.53 -1.11 -9.41
O3 HMG B . 0.81 -1.88 -9.34
O3 HMG B . 2.36 -1.36 -9.76
O4 HMG B . 2.59 -2.54 -7.94
O4 HMG B . 4.19 -1.77 -8.58
C6 HMG B . 4.90 0.71 -8.94
C6 HMG B . 5.34 2.18 -9.58
#